data_6Q2W
#
_entry.id   6Q2W
#
_cell.length_a   127.120
_cell.length_b   56.200
_cell.length_c   81.400
_cell.angle_alpha   90.000
_cell.angle_beta   125.060
_cell.angle_gamma   90.000
#
_symmetry.space_group_name_H-M   'C 1 2 1'
#
loop_
_entity.id
_entity.type
_entity.pdbx_description
1 polymer 'Nuclear receptor ROR-gamma'
2 non-polymer (2~{S})-1-[2,4-bis(chloranyl)-3-[[4-imidazol-1-yl-2-(trifluoromethyl)quinolin-8-yl]oxymethyl]phenyl]sulfonyl-~{N}-methyl-pyrrolidine-2-carboxamide
3 water water
#
_entity_poly.entity_id   1
_entity_poly.type   'polypeptide(L)'
_entity_poly.pdbx_seq_one_letter_code
;LTEIEHLVQSVCKSYRETCQLRLEDLLRQRSNIFSREEVTGYQRKSMWEMWERCAHHLTEAIQYVVEFAKRLSGFMELCQ
NDQIVLLKAGAMEVVLVRMCRAYNADNRTVFFEGKYGGMELFRALGCSELISSIFDFSHSLSALHFSEDEIALYTALVLI
NAHRPGLQEKRKVEQLQYNLELAFHHHLCKTHRQSILAKLPPKGKLRSLCSQHVERLQIFQ
;
_entity_poly.pdbx_strand_id   A,B
#
# COMPACT_ATOMS: atom_id res chain seq x y z
N LEU A 1 3.46 2.88 40.85
CA LEU A 1 4.01 4.25 41.13
C LEU A 1 5.22 4.48 40.22
N THR A 2 6.29 5.09 40.75
CA THR A 2 7.70 5.02 40.26
C THR A 2 7.77 4.44 38.84
N GLU A 3 7.45 3.15 38.65
CA GLU A 3 7.44 2.45 37.33
C GLU A 3 6.54 3.18 36.31
N ILE A 4 5.32 3.57 36.71
CA ILE A 4 4.35 4.27 35.81
C ILE A 4 5.00 5.56 35.32
N GLU A 5 5.46 6.40 36.26
CA GLU A 5 6.10 7.73 35.98
C GLU A 5 7.36 7.52 35.12
N HIS A 6 8.06 6.40 35.31
CA HIS A 6 9.23 6.03 34.47
C HIS A 6 8.76 5.71 33.04
N LEU A 7 7.63 5.01 32.90
CA LEU A 7 7.12 4.67 31.57
C LEU A 7 6.72 5.97 30.87
N VAL A 8 5.99 6.86 31.56
CA VAL A 8 5.56 8.18 31.03
C VAL A 8 6.77 8.88 30.43
N GLN A 9 7.88 9.00 31.16
CA GLN A 9 9.08 9.78 30.72
C GLN A 9 9.78 9.09 29.53
N SER A 10 9.75 7.77 29.47
CA SER A 10 10.35 6.97 28.37
C SER A 10 9.56 7.17 27.06
N VAL A 11 8.24 7.13 27.13
CA VAL A 11 7.38 7.34 25.92
C VAL A 11 7.54 8.79 25.43
N CYS A 12 7.58 9.78 26.33
CA CYS A 12 7.69 11.21 25.94
C CYS A 12 9.05 11.43 25.26
N LYS A 13 10.11 10.80 25.78
CA LYS A 13 11.47 10.83 25.17
C LYS A 13 11.48 10.18 23.77
N SER A 14 10.96 8.97 23.62
CA SER A 14 10.89 8.27 22.31
C SER A 14 10.17 9.16 21.29
N TYR A 15 9.08 9.84 21.69
CA TYR A 15 8.31 10.72 20.79
C TYR A 15 9.15 11.92 20.34
N ARG A 16 9.78 12.62 21.29
CA ARG A 16 10.55 13.87 21.02
C ARG A 16 11.73 13.57 20.10
N GLU A 17 12.34 12.41 20.26
CA GLU A 17 13.46 11.95 19.41
C GLU A 17 12.99 11.68 17.98
N THR A 18 11.70 11.46 17.72
CA THR A 18 11.24 10.88 16.43
C THR A 18 10.18 11.73 15.75
N CYS A 19 10.03 12.98 16.15
CA CYS A 19 9.23 13.98 15.39
C CYS A 19 9.84 14.20 14.01
N GLN A 20 9.02 14.21 12.96
CA GLN A 20 9.45 14.63 11.60
C GLN A 20 9.72 16.13 11.62
N LEU A 21 8.93 16.88 12.38
CA LEU A 21 8.90 18.37 12.37
C LEU A 21 8.94 18.92 13.79
N ARG A 22 9.91 19.78 14.09
CA ARG A 22 9.98 20.53 15.36
C ARG A 22 8.77 21.45 15.45
N LEU A 23 8.07 21.41 16.58
CA LEU A 23 6.90 22.27 16.86
C LEU A 23 7.27 23.73 16.65
N GLU A 24 8.42 24.17 17.16
CA GLU A 24 8.83 25.60 17.08
C GLU A 24 8.93 26.04 15.60
N ASP A 25 9.32 25.15 14.68
CA ASP A 25 9.41 25.46 13.23
C ASP A 25 8.01 25.58 12.63
N LEU A 26 7.13 24.64 12.94
CA LEU A 26 5.74 24.69 12.43
C LEU A 26 5.10 26.00 12.88
N LEU A 27 5.39 26.46 14.11
CA LEU A 27 4.68 27.64 14.67
C LEU A 27 5.25 28.90 14.01
N ARG A 28 6.57 29.04 13.96
CA ARG A 28 7.29 30.16 13.30
C ARG A 28 6.83 30.31 11.85
N GLN A 29 6.55 29.21 11.14
CA GLN A 29 6.21 29.21 9.69
C GLN A 29 4.72 29.47 9.47
N ARG A 30 3.93 29.67 10.52
CA ARG A 30 2.47 29.90 10.38
C ARG A 30 2.18 31.16 9.56
N SER A 31 3.06 32.15 9.51
CA SER A 31 2.83 33.39 8.71
C SER A 31 3.18 33.16 7.23
N ASN A 32 3.88 32.07 6.91
CA ASN A 32 4.36 31.71 5.56
C ASN A 32 3.27 30.89 4.87
N ILE A 33 2.43 31.54 4.07
CA ILE A 33 1.16 31.03 3.47
C ILE A 33 1.33 31.01 1.95
N PHE A 34 0.90 29.95 1.27
CA PHE A 34 0.93 29.90 -0.22
C PHE A 34 0.12 31.06 -0.82
N SER A 35 0.68 31.71 -1.85
CA SER A 35 -0.02 32.72 -2.69
C SER A 35 -1.16 32.05 -3.48
N ARG A 36 -2.14 32.83 -3.95
CA ARG A 36 -3.14 32.37 -4.94
C ARG A 36 -2.43 31.70 -6.13
N GLU A 37 -1.34 32.28 -6.63
CA GLU A 37 -0.66 31.78 -7.86
C GLU A 37 0.00 30.43 -7.55
N GLU A 38 0.61 30.30 -6.37
CA GLU A 38 1.13 28.99 -5.88
C GLU A 38 -0.04 28.00 -5.75
N VAL A 39 -1.19 28.40 -5.24
CA VAL A 39 -2.34 27.44 -5.10
C VAL A 39 -2.81 26.99 -6.49
N THR A 40 -3.02 27.95 -7.41
CA THR A 40 -3.38 27.69 -8.83
C THR A 40 -2.34 26.74 -9.43
N GLY A 41 -1.06 26.95 -9.15
CA GLY A 41 0.03 26.04 -9.55
C GLY A 41 -0.25 24.60 -9.12
N TYR A 42 -0.62 24.38 -7.86
CA TYR A 42 -0.95 23.02 -7.34
C TYR A 42 -2.21 22.50 -8.03
N GLN A 43 -3.19 23.36 -8.26
CA GLN A 43 -4.50 22.92 -8.80
C GLN A 43 -4.38 22.52 -10.26
N ARG A 44 -3.31 22.89 -10.96
CA ARG A 44 -3.16 22.52 -12.40
C ARG A 44 -2.22 21.30 -12.54
N LYS A 45 -1.62 20.79 -11.46
CA LYS A 45 -0.78 19.57 -11.56
C LYS A 45 -1.68 18.42 -12.00
N SER A 46 -1.18 17.39 -12.68
CA SER A 46 -2.04 16.22 -13.02
C SER A 46 -2.41 15.50 -11.72
N MET A 47 -3.55 14.80 -11.67
CA MET A 47 -3.93 13.90 -10.54
C MET A 47 -2.77 12.94 -10.21
N TRP A 48 -2.14 12.37 -11.23
CA TRP A 48 -1.00 11.44 -11.06
C TRP A 48 0.16 12.11 -10.30
N GLU A 49 0.60 13.27 -10.78
CA GLU A 49 1.73 14.04 -10.22
C GLU A 49 1.43 14.37 -8.74
N MET A 50 0.19 14.74 -8.46
CA MET A 50 -0.19 15.21 -7.10
C MET A 50 -0.24 14.01 -6.17
N TRP A 51 -0.69 12.84 -6.65
CA TRP A 51 -0.70 11.60 -5.84
C TRP A 51 0.75 11.18 -5.60
N GLU A 52 1.61 11.30 -6.62
CA GLU A 52 3.05 10.91 -6.50
C GLU A 52 3.67 11.72 -5.36
N ARG A 53 3.44 13.03 -5.32
CA ARG A 53 4.13 13.89 -4.34
C ARG A 53 3.49 13.68 -2.96
N CYS A 54 2.17 13.50 -2.86
CA CYS A 54 1.51 13.19 -1.55
C CYS A 54 1.92 11.80 -1.05
N ALA A 55 2.01 10.77 -1.91
CA ALA A 55 2.51 9.42 -1.54
C ALA A 55 3.93 9.53 -0.99
N HIS A 56 4.80 10.30 -1.66
CA HIS A 56 6.20 10.45 -1.20
C HIS A 56 6.18 11.03 0.22
N HIS A 57 5.40 12.08 0.48
CA HIS A 57 5.36 12.76 1.81
C HIS A 57 4.82 11.83 2.90
N LEU A 58 3.79 11.05 2.59
CA LEU A 58 3.17 10.05 3.50
C LEU A 58 4.22 8.99 3.87
N THR A 59 4.98 8.48 2.90
CA THR A 59 6.03 7.45 3.12
C THR A 59 7.07 7.99 4.08
N GLU A 60 7.49 9.23 3.85
CA GLU A 60 8.52 9.90 4.67
C GLU A 60 8.01 9.99 6.11
N ALA A 61 6.78 10.47 6.34
CA ALA A 61 6.17 10.58 7.68
C ALA A 61 6.07 9.19 8.34
N ILE A 62 5.69 8.16 7.59
CA ILE A 62 5.61 6.77 8.11
C ILE A 62 6.98 6.31 8.64
N GLN A 63 8.07 6.61 7.94
CA GLN A 63 9.44 6.21 8.40
C GLN A 63 9.68 6.78 9.81
N TYR A 64 9.24 8.00 10.12
CA TYR A 64 9.49 8.56 11.47
C TYR A 64 8.67 7.81 12.53
N VAL A 65 7.48 7.35 12.17
CA VAL A 65 6.62 6.54 13.07
C VAL A 65 7.23 5.15 13.30
N VAL A 66 7.82 4.53 12.28
CA VAL A 66 8.55 3.25 12.44
C VAL A 66 9.69 3.47 13.44
N GLU A 67 10.35 4.62 13.39
CA GLU A 67 11.44 4.94 14.36
C GLU A 67 10.86 5.13 15.77
N PHE A 68 9.68 5.72 15.88
CA PHE A 68 8.94 5.91 17.16
C PHE A 68 8.72 4.52 17.79
N ALA A 69 8.12 3.61 17.02
CA ALA A 69 7.90 2.20 17.41
C ALA A 69 9.21 1.55 17.90
N LYS A 70 10.26 1.62 17.11
CA LYS A 70 11.58 1.04 17.46
C LYS A 70 12.01 1.53 18.85
N ARG A 71 11.75 2.78 19.21
CA ARG A 71 12.28 3.41 20.45
C ARG A 71 11.28 3.28 21.59
N LEU A 72 10.11 2.70 21.33
CA LEU A 72 8.98 2.63 22.29
C LEU A 72 9.19 1.39 23.18
N SER A 73 9.22 1.60 24.49
CA SER A 73 9.40 0.53 25.52
C SER A 73 8.49 -0.66 25.23
N GLY A 74 9.06 -1.87 25.07
CA GLY A 74 8.34 -3.14 24.89
C GLY A 74 8.14 -3.50 23.42
N PHE A 75 8.20 -2.54 22.50
CA PHE A 75 7.74 -2.79 21.10
C PHE A 75 8.68 -3.81 20.42
N MET A 76 9.98 -3.61 20.53
CA MET A 76 11.01 -4.44 19.86
C MET A 76 11.14 -5.78 20.58
N GLU A 77 10.43 -6.00 21.68
CA GLU A 77 10.41 -7.32 22.37
C GLU A 77 9.16 -8.10 21.94
N LEU A 78 8.21 -7.49 21.24
CA LEU A 78 7.08 -8.26 20.64
C LEU A 78 7.65 -9.12 19.52
N CYS A 79 6.97 -10.18 19.08
CA CYS A 79 7.42 -11.02 17.95
C CYS A 79 7.39 -10.19 16.66
N GLN A 80 8.23 -10.54 15.68
CA GLN A 80 8.36 -9.77 14.41
C GLN A 80 6.99 -9.63 13.73
N ASN A 81 6.17 -10.69 13.74
CA ASN A 81 4.83 -10.69 13.10
C ASN A 81 3.99 -9.55 13.67
N ASP A 82 3.99 -9.44 14.98
CA ASP A 82 3.11 -8.51 15.73
C ASP A 82 3.64 -7.07 15.55
N GLN A 83 4.95 -6.90 15.48
CA GLN A 83 5.58 -5.59 15.16
C GLN A 83 5.07 -5.11 13.80
N ILE A 84 5.06 -6.00 12.82
CA ILE A 84 4.62 -5.67 11.45
C ILE A 84 3.11 -5.39 11.44
N VAL A 85 2.32 -6.23 12.10
CA VAL A 85 0.85 -6.04 12.12
C VAL A 85 0.54 -4.68 12.76
N LEU A 86 1.17 -4.32 13.88
CA LEU A 86 0.82 -3.08 14.62
C LEU A 86 1.18 -1.84 13.78
N LEU A 87 2.35 -1.86 13.14
CA LEU A 87 2.79 -0.73 12.28
C LEU A 87 1.87 -0.59 11.06
N LYS A 88 1.60 -1.69 10.36
CA LYS A 88 0.81 -1.69 9.11
C LYS A 88 -0.58 -1.12 9.40
N ALA A 89 -1.14 -1.41 10.58
CA ALA A 89 -2.49 -0.98 11.03
C ALA A 89 -2.46 0.44 11.59
N GLY A 90 -1.36 0.83 12.21
CA GLY A 90 -1.28 2.02 13.09
C GLY A 90 -0.44 3.14 12.50
N ALA A 91 0.51 2.86 11.61
CA ALA A 91 1.53 3.88 11.28
C ALA A 91 0.85 5.09 10.61
N MET A 92 -0.04 4.89 9.66
CA MET A 92 -0.75 6.00 8.96
C MET A 92 -1.69 6.74 9.94
N GLU A 93 -2.33 6.04 10.86
CA GLU A 93 -3.15 6.68 11.93
C GLU A 93 -2.27 7.60 12.79
N VAL A 94 -1.05 7.20 13.14
CA VAL A 94 -0.13 8.06 13.94
C VAL A 94 0.24 9.29 13.11
N VAL A 95 0.53 9.15 11.80
CA VAL A 95 0.80 10.31 10.89
C VAL A 95 -0.40 11.28 10.94
N LEU A 96 -1.63 10.76 10.86
CA LEU A 96 -2.85 11.60 10.88
C LEU A 96 -2.89 12.37 12.22
N VAL A 97 -2.58 11.73 13.34
CA VAL A 97 -2.64 12.42 14.65
C VAL A 97 -1.53 13.46 14.69
N ARG A 98 -0.33 13.11 14.22
CA ARG A 98 0.83 14.01 14.26
C ARG A 98 0.52 15.25 13.42
N MET A 99 -0.39 15.14 12.46
CA MET A 99 -0.61 16.27 11.54
C MET A 99 -1.41 17.42 12.22
N CYS A 100 -2.11 17.21 13.35
CA CYS A 100 -2.82 18.31 14.07
C CYS A 100 -1.80 19.33 14.62
N ARG A 101 -0.53 18.95 14.75
CA ARG A 101 0.57 19.86 15.16
C ARG A 101 0.89 20.89 14.06
N ALA A 102 0.69 20.48 12.82
CA ALA A 102 1.05 21.18 11.57
C ALA A 102 -0.20 21.88 11.05
N TYR A 103 -1.28 21.83 11.82
CA TYR A 103 -2.60 22.44 11.48
C TYR A 103 -2.81 23.71 12.27
N ASN A 104 -3.20 24.79 11.58
CA ASN A 104 -3.45 26.13 12.17
C ASN A 104 -4.95 26.37 12.14
N ALA A 105 -5.62 26.14 13.27
CA ALA A 105 -7.09 26.26 13.42
C ALA A 105 -7.58 27.70 13.21
N ASP A 106 -6.71 28.72 13.36
CA ASP A 106 -7.09 30.15 13.20
C ASP A 106 -7.43 30.49 11.76
N ASN A 107 -6.84 29.81 10.76
CA ASN A 107 -7.10 30.11 9.32
C ASN A 107 -7.34 28.81 8.52
N ARG A 108 -7.45 27.65 9.20
CA ARG A 108 -7.79 26.32 8.63
C ARG A 108 -6.76 25.97 7.55
N THR A 109 -5.49 26.17 7.85
CA THR A 109 -4.37 25.84 6.95
C THR A 109 -3.53 24.69 7.52
N VAL A 110 -2.82 24.02 6.64
CA VAL A 110 -1.92 22.90 7.02
C VAL A 110 -0.57 23.14 6.38
N PHE A 111 0.49 22.81 7.11
CA PHE A 111 1.86 22.84 6.60
C PHE A 111 1.98 21.79 5.49
N PHE A 112 2.52 22.19 4.34
CA PHE A 112 2.66 21.34 3.13
C PHE A 112 3.77 21.91 2.27
N GLU A 113 4.83 21.13 2.04
CA GLU A 113 5.97 21.47 1.17
C GLU A 113 6.47 22.88 1.49
N GLY A 114 6.68 23.17 2.77
CA GLY A 114 7.35 24.42 3.21
C GLY A 114 6.41 25.59 3.50
N LYS A 115 5.12 25.56 3.17
CA LYS A 115 4.25 26.69 3.56
C LYS A 115 2.90 26.15 4.05
N TYR A 116 2.03 27.03 4.55
CA TYR A 116 0.64 26.72 4.96
C TYR A 116 -0.34 26.96 3.80
N GLY A 117 -1.24 26.02 3.57
CA GLY A 117 -2.31 26.13 2.56
C GLY A 117 -3.59 25.48 3.07
N GLY A 118 -4.72 25.86 2.49
CA GLY A 118 -6.04 25.31 2.81
C GLY A 118 -6.27 24.08 1.98
N MET A 119 -7.44 23.50 2.10
CA MET A 119 -7.72 22.18 1.50
C MET A 119 -7.79 22.28 -0.04
N GLU A 120 -8.12 23.47 -0.58
CA GLU A 120 -8.23 23.70 -2.05
C GLU A 120 -6.86 23.48 -2.72
N LEU A 121 -5.78 23.50 -1.96
CA LEU A 121 -4.44 23.19 -2.51
C LEU A 121 -4.39 21.75 -3.06
N PHE A 122 -5.25 20.87 -2.54
CA PHE A 122 -5.18 19.42 -2.81
C PHE A 122 -6.22 19.02 -3.86
N ARG A 123 -6.80 19.99 -4.57
CA ARG A 123 -7.94 19.74 -5.50
C ARG A 123 -7.56 18.67 -6.55
N ALA A 124 -6.32 18.64 -7.07
CA ALA A 124 -5.90 17.77 -8.19
C ALA A 124 -5.95 16.30 -7.81
N LEU A 125 -5.88 15.97 -6.52
CA LEU A 125 -5.99 14.57 -6.02
C LEU A 125 -7.32 13.96 -6.43
N GLY A 126 -8.34 14.78 -6.63
CA GLY A 126 -9.70 14.30 -6.98
C GLY A 126 -10.35 13.54 -5.84
N CYS A 127 -10.00 13.84 -4.57
CA CYS A 127 -10.67 13.21 -3.38
C CYS A 127 -10.98 14.31 -2.35
N SER A 128 -11.76 15.31 -2.76
CA SER A 128 -12.02 16.55 -1.98
CA SER A 128 -12.02 16.56 -1.98
C SER A 128 -12.79 16.22 -0.70
N GLU A 129 -13.68 15.23 -0.75
CA GLU A 129 -14.44 14.78 0.47
C GLU A 129 -13.44 14.27 1.53
N LEU A 130 -12.45 13.47 1.12
CA LEU A 130 -11.43 12.91 2.06
C LEU A 130 -10.58 14.05 2.62
N ILE A 131 -10.14 14.99 1.78
CA ILE A 131 -9.26 16.11 2.22
C ILE A 131 -10.02 16.90 3.28
N SER A 132 -11.29 17.17 3.00
CA SER A 132 -12.15 17.99 3.87
C SER A 132 -12.34 17.28 5.21
N SER A 133 -12.48 15.95 5.19
CA SER A 133 -12.59 15.11 6.41
C SER A 133 -11.27 15.12 7.19
N ILE A 134 -10.13 15.09 6.53
CA ILE A 134 -8.81 15.15 7.23
C ILE A 134 -8.67 16.52 7.89
N PHE A 135 -9.14 17.58 7.23
CA PHE A 135 -9.05 18.97 7.75
C PHE A 135 -9.96 19.10 8.98
N ASP A 136 -11.20 18.63 8.85
CA ASP A 136 -12.21 18.55 9.93
C ASP A 136 -11.64 17.80 11.14
N PHE A 137 -10.98 16.66 10.89
CA PHE A 137 -10.39 15.78 11.93
C PHE A 137 -9.27 16.53 12.66
N SER A 138 -8.39 17.19 11.90
CA SER A 138 -7.25 17.97 12.47
C SER A 138 -7.78 19.17 13.26
N HIS A 139 -8.81 19.83 12.75
CA HIS A 139 -9.48 20.97 13.44
C HIS A 139 -9.93 20.52 14.84
N SER A 140 -10.62 19.38 14.95
CA SER A 140 -11.17 18.78 16.20
C SER A 140 -10.03 18.43 17.16
N LEU A 141 -8.98 17.79 16.65
CA LEU A 141 -7.82 17.37 17.48
C LEU A 141 -7.03 18.61 17.94
N SER A 142 -6.84 19.59 17.07
CA SER A 142 -6.14 20.87 17.41
C SER A 142 -6.81 21.44 18.66
N ALA A 143 -8.12 21.28 18.78
CA ALA A 143 -8.95 21.92 19.84
C ALA A 143 -8.65 21.37 21.24
N LEU A 144 -8.01 20.20 21.35
CA LEU A 144 -7.60 19.60 22.65
C LEU A 144 -6.35 20.33 23.18
N HIS A 145 -5.68 21.11 22.33
CA HIS A 145 -4.39 21.77 22.65
C HIS A 145 -3.50 20.75 23.38
N PHE A 146 -3.34 19.56 22.82
CA PHE A 146 -2.43 18.53 23.36
C PHE A 146 -1.06 19.14 23.72
N SER A 147 -0.48 18.78 24.86
CA SER A 147 0.97 18.96 25.12
C SER A 147 1.75 17.95 24.26
N GLU A 148 3.05 18.14 24.05
CA GLU A 148 3.85 17.11 23.33
C GLU A 148 3.74 15.77 24.10
N ASP A 149 3.74 15.81 25.43
CA ASP A 149 3.63 14.62 26.33
C ASP A 149 2.30 13.88 26.05
N GLU A 150 1.18 14.60 25.92
CA GLU A 150 -0.14 13.98 25.66
C GLU A 150 -0.11 13.30 24.30
N ILE A 151 0.51 13.95 23.32
CA ILE A 151 0.56 13.41 21.93
C ILE A 151 1.39 12.14 21.95
N ALA A 152 2.52 12.14 22.67
CA ALA A 152 3.41 10.96 22.83
C ALA A 152 2.60 9.77 23.34
N LEU A 153 1.92 9.94 24.48
CA LEU A 153 1.17 8.85 25.16
C LEU A 153 -0.01 8.41 24.28
N TYR A 154 -0.75 9.35 23.69
CA TYR A 154 -1.90 9.03 22.83
C TYR A 154 -1.42 8.24 21.60
N THR A 155 -0.34 8.67 20.95
CA THR A 155 0.11 7.99 19.69
C THR A 155 0.73 6.62 20.01
N ALA A 156 1.33 6.45 21.19
CA ALA A 156 1.81 5.14 21.68
C ALA A 156 0.62 4.16 21.71
N LEU A 157 -0.55 4.62 22.16
CA LEU A 157 -1.76 3.77 22.27
C LEU A 157 -2.45 3.57 20.91
N VAL A 158 -2.39 4.53 20.00
CA VAL A 158 -2.90 4.37 18.62
C VAL A 158 -2.17 3.16 18.01
N LEU A 159 -0.87 3.05 18.28
CA LEU A 159 0.02 1.99 17.73
C LEU A 159 -0.19 0.66 18.50
N ILE A 160 -0.10 0.67 19.83
CA ILE A 160 -0.13 -0.57 20.65
C ILE A 160 -1.59 -0.88 20.99
N ASN A 161 -2.20 -1.65 20.08
CA ASN A 161 -3.65 -1.95 20.03
C ASN A 161 -3.77 -3.49 19.89
N ALA A 162 -4.13 -4.17 20.97
CA ALA A 162 -4.20 -5.65 21.02
C ALA A 162 -5.40 -6.22 20.23
N HIS A 163 -6.26 -5.38 19.65
CA HIS A 163 -7.45 -5.79 18.86
C HIS A 163 -7.13 -5.81 17.36
N ARG A 164 -5.94 -5.37 16.91
CA ARG A 164 -5.59 -5.45 15.46
C ARG A 164 -5.72 -6.90 15.00
N PRO A 165 -6.47 -7.18 13.91
CA PRO A 165 -6.54 -8.54 13.38
C PRO A 165 -5.16 -9.04 12.94
N GLY A 166 -4.88 -10.31 13.23
CA GLY A 166 -3.68 -11.00 12.71
C GLY A 166 -2.54 -10.96 13.71
N LEU A 167 -2.78 -10.47 14.93
CA LEU A 167 -1.74 -10.58 15.99
C LEU A 167 -1.63 -12.05 16.39
N GLN A 168 -0.41 -12.51 16.65
CA GLN A 168 -0.13 -13.94 16.96
C GLN A 168 0.25 -14.13 18.43
N GLU A 169 0.76 -13.10 19.12
CA GLU A 169 1.02 -13.11 20.58
C GLU A 169 0.14 -12.04 21.24
N LYS A 170 -1.17 -12.21 21.12
CA LYS A 170 -2.20 -11.24 21.57
C LYS A 170 -2.00 -10.85 23.05
N ARG A 171 -1.64 -11.79 23.92
CA ARG A 171 -1.48 -11.54 25.38
C ARG A 171 -0.32 -10.59 25.64
N LYS A 172 0.73 -10.66 24.82
CA LYS A 172 1.95 -9.83 25.01
C LYS A 172 1.65 -8.39 24.56
N VAL A 173 0.88 -8.19 23.50
CA VAL A 173 0.48 -6.81 23.08
C VAL A 173 -0.44 -6.21 24.17
N GLU A 174 -1.43 -6.98 24.67
CA GLU A 174 -2.37 -6.56 25.75
C GLU A 174 -1.59 -6.05 26.97
N GLN A 175 -0.56 -6.76 27.43
CA GLN A 175 0.31 -6.39 28.59
C GLN A 175 0.98 -5.03 28.34
N LEU A 176 1.60 -4.83 27.17
CA LEU A 176 2.19 -3.51 26.78
C LEU A 176 1.08 -2.43 26.68
N GLN A 177 -0.07 -2.73 26.09
CA GLN A 177 -1.18 -1.76 25.97
C GLN A 177 -1.62 -1.35 27.37
N TYR A 178 -1.80 -2.32 28.25
CA TYR A 178 -2.32 -2.07 29.62
C TYR A 178 -1.39 -1.09 30.35
N ASN A 179 -0.08 -1.32 30.30
CA ASN A 179 0.94 -0.43 30.92
C ASN A 179 0.88 0.98 30.28
N LEU A 180 0.66 1.08 28.96
CA LEU A 180 0.60 2.42 28.31
C LEU A 180 -0.65 3.17 28.75
N GLU A 181 -1.78 2.48 28.88
CA GLU A 181 -3.04 3.10 29.39
C GLU A 181 -2.81 3.58 30.82
N LEU A 182 -2.26 2.75 31.72
CA LEU A 182 -1.95 3.19 33.10
C LEU A 182 -1.07 4.45 33.04
N ALA A 183 -0.03 4.48 32.21
CA ALA A 183 0.82 5.67 32.00
C ALA A 183 -0.03 6.88 31.56
N PHE A 184 -0.80 6.74 30.48
CA PHE A 184 -1.63 7.83 29.91
C PHE A 184 -2.58 8.36 30.99
N HIS A 185 -3.31 7.44 31.65
CA HIS A 185 -4.38 7.77 32.61
C HIS A 185 -3.77 8.49 33.81
N HIS A 186 -2.63 8.02 34.29
CA HIS A 186 -1.93 8.62 35.44
C HIS A 186 -1.53 10.05 35.07
N HIS A 187 -0.95 10.26 33.90
CA HIS A 187 -0.49 11.60 33.51
C HIS A 187 -1.69 12.57 33.45
N LEU A 188 -2.78 12.15 32.83
CA LEU A 188 -3.99 13.00 32.64
C LEU A 188 -4.60 13.30 34.01
N CYS A 189 -4.74 12.28 34.87
CA CYS A 189 -5.34 12.42 36.22
CA CYS A 189 -5.37 12.46 36.20
C CYS A 189 -4.54 13.45 37.03
N LYS A 190 -3.23 13.30 37.05
CA LYS A 190 -2.30 14.21 37.79
C LYS A 190 -2.43 15.66 37.27
N THR A 191 -2.60 15.88 35.97
CA THR A 191 -2.61 17.23 35.35
C THR A 191 -4.05 17.77 35.25
N HIS A 192 -5.03 16.99 35.68
CA HIS A 192 -6.49 17.28 35.63
C HIS A 192 -6.99 17.38 34.18
N ARG A 193 -6.48 16.51 33.30
CA ARG A 193 -6.73 16.58 31.84
C ARG A 193 -7.58 15.37 31.39
N GLN A 194 -8.20 14.65 32.32
CA GLN A 194 -8.88 13.36 32.04
C GLN A 194 -10.13 13.60 31.17
N SER A 195 -10.67 14.83 31.15
CA SER A 195 -11.79 15.27 30.25
C SER A 195 -11.45 15.09 28.76
N ILE A 196 -10.17 15.11 28.36
CA ILE A 196 -9.83 14.93 26.90
C ILE A 196 -10.17 13.51 26.44
N LEU A 197 -10.21 12.51 27.32
CA LEU A 197 -10.40 11.08 26.93
C LEU A 197 -11.71 10.93 26.15
N ALA A 198 -12.79 11.55 26.61
CA ALA A 198 -14.13 11.43 26.00
C ALA A 198 -14.16 12.17 24.66
N LYS A 199 -13.20 13.08 24.39
CA LYS A 199 -13.12 13.87 23.13
C LYS A 199 -12.20 13.20 22.09
N LEU A 200 -11.45 12.16 22.46
CA LEU A 200 -10.54 11.49 21.49
C LEU A 200 -11.42 10.86 20.42
N PRO A 201 -11.01 10.86 19.12
CA PRO A 201 -11.88 10.38 18.05
C PRO A 201 -12.07 8.88 18.18
N PRO A 202 -13.22 8.33 17.71
CA PRO A 202 -13.39 6.88 17.73
C PRO A 202 -12.35 6.24 16.79
N LYS A 203 -11.87 5.06 17.16
CA LYS A 203 -10.81 4.30 16.44
C LYS A 203 -11.23 4.00 15.00
N GLY A 204 -12.53 3.76 14.78
CA GLY A 204 -13.13 3.54 13.45
C GLY A 204 -12.98 4.74 12.54
N LYS A 205 -13.00 5.95 13.11
CA LYS A 205 -12.79 7.23 12.39
C LYS A 205 -11.34 7.32 11.90
N LEU A 206 -10.36 7.06 12.77
CA LEU A 206 -8.92 7.09 12.37
C LEU A 206 -8.70 6.12 11.21
N ARG A 207 -9.20 4.88 11.36
CA ARG A 207 -9.16 3.78 10.37
C ARG A 207 -9.62 4.25 8.99
N SER A 208 -10.86 4.73 8.90
CA SER A 208 -11.55 5.01 7.61
C SER A 208 -10.78 6.11 6.86
N LEU A 209 -10.40 7.20 7.53
CA LEU A 209 -9.62 8.30 6.92
C LEU A 209 -8.26 7.80 6.42
N CYS A 210 -7.55 6.98 7.19
CA CYS A 210 -6.11 6.68 6.94
CA CYS A 210 -6.11 6.69 6.95
C CYS A 210 -5.95 5.60 5.88
N SER A 211 -7.01 4.83 5.61
CA SER A 211 -6.96 3.60 4.80
C SER A 211 -7.85 3.69 3.54
N GLN A 212 -8.53 4.81 3.29
CA GLN A 212 -9.58 4.88 2.24
C GLN A 212 -8.96 4.72 0.84
N HIS A 213 -7.69 5.05 0.63
CA HIS A 213 -6.99 4.90 -0.68
C HIS A 213 -5.66 4.13 -0.56
N VAL A 214 -5.52 3.21 0.42
CA VAL A 214 -4.27 2.40 0.62
C VAL A 214 -3.90 1.66 -0.68
N GLU A 215 -4.87 1.10 -1.41
CA GLU A 215 -4.55 0.18 -2.55
C GLU A 215 -3.83 1.01 -3.62
N ARG A 216 -4.14 2.29 -3.68
CA ARG A 216 -3.68 3.25 -4.72
C ARG A 216 -2.21 3.61 -4.52
N LEU A 217 -1.74 3.70 -3.26
CA LEU A 217 -0.36 4.16 -2.95
C LEU A 217 0.68 3.25 -3.61
N GLN A 218 0.37 1.96 -3.73
CA GLN A 218 1.27 0.94 -4.29
C GLN A 218 1.73 1.39 -5.68
N ILE A 219 0.88 2.03 -6.48
CA ILE A 219 1.25 2.35 -7.89
C ILE A 219 2.09 3.64 -7.96
N PHE A 220 2.29 4.35 -6.85
CA PHE A 220 3.08 5.60 -6.81
C PHE A 220 4.53 5.27 -6.36
N GLN A 221 5.48 5.75 -7.19
CA GLN A 221 6.91 5.31 -7.26
C GLN A 221 7.26 4.45 -6.04
N LEU B 1 -11.82 -4.87 -39.41
CA LEU B 1 -10.63 -5.79 -39.39
C LEU B 1 -9.42 -5.00 -38.93
N THR B 2 -9.17 -3.84 -39.53
CA THR B 2 -7.92 -3.06 -39.31
C THR B 2 -7.93 -2.51 -37.86
N GLU B 3 -9.07 -2.05 -37.32
CA GLU B 3 -9.15 -1.52 -35.93
C GLU B 3 -8.80 -2.65 -34.95
N ILE B 4 -9.60 -3.72 -34.93
CA ILE B 4 -9.47 -4.79 -33.91
C ILE B 4 -8.07 -5.40 -34.06
N GLU B 5 -7.59 -5.55 -35.28
CA GLU B 5 -6.24 -6.12 -35.53
C GLU B 5 -5.18 -5.17 -34.97
N HIS B 6 -5.40 -3.85 -35.05
CA HIS B 6 -4.46 -2.83 -34.51
C HIS B 6 -4.40 -3.02 -32.98
N LEU B 7 -5.56 -3.02 -32.31
CA LEU B 7 -5.67 -3.17 -30.84
C LEU B 7 -4.92 -4.42 -30.33
N VAL B 8 -5.11 -5.56 -31.00
CA VAL B 8 -4.44 -6.86 -30.69
C VAL B 8 -2.92 -6.69 -30.78
N GLN B 9 -2.39 -6.13 -31.87
CA GLN B 9 -0.93 -6.00 -32.10
C GLN B 9 -0.33 -5.04 -31.06
N SER B 10 -1.03 -3.95 -30.74
CA SER B 10 -0.71 -2.97 -29.67
C SER B 10 -0.57 -3.70 -28.33
N VAL B 11 -1.56 -4.51 -28.00
CA VAL B 11 -1.56 -5.22 -26.69
C VAL B 11 -0.37 -6.17 -26.70
N CYS B 12 -0.20 -6.93 -27.77
CA CYS B 12 0.88 -7.96 -27.87
C CYS B 12 2.26 -7.28 -27.79
N LYS B 13 2.45 -6.20 -28.54
CA LYS B 13 3.72 -5.43 -28.51
C LYS B 13 3.93 -4.83 -27.11
N SER B 14 2.94 -4.16 -26.52
CA SER B 14 3.11 -3.59 -25.16
C SER B 14 3.54 -4.70 -24.18
N TYR B 15 2.91 -5.88 -24.26
CA TYR B 15 3.25 -7.05 -23.42
C TYR B 15 4.71 -7.45 -23.65
N ARG B 16 5.07 -7.71 -24.90
CA ARG B 16 6.44 -8.13 -25.31
C ARG B 16 7.46 -7.17 -24.67
N GLU B 17 7.20 -5.87 -24.76
CA GLU B 17 8.19 -4.80 -24.44
C GLU B 17 8.23 -4.50 -22.95
N THR B 18 7.24 -4.93 -22.16
CA THR B 18 7.14 -4.53 -20.73
C THR B 18 7.19 -5.75 -19.80
N CYS B 19 7.61 -6.92 -20.25
CA CYS B 19 7.92 -8.06 -19.34
C CYS B 19 9.20 -7.75 -18.55
N GLN B 20 9.22 -8.00 -17.25
CA GLN B 20 10.46 -7.87 -16.43
C GLN B 20 11.57 -8.75 -17.00
N LEU B 21 11.25 -9.97 -17.39
CA LEU B 21 12.25 -10.95 -17.89
C LEU B 21 11.78 -11.52 -19.23
N ARG B 22 12.67 -11.64 -20.20
CA ARG B 22 12.36 -12.30 -21.49
C ARG B 22 12.05 -13.77 -21.23
N LEU B 23 10.99 -14.28 -21.85
CA LEU B 23 10.54 -15.69 -21.67
C LEU B 23 11.75 -16.60 -21.90
N GLU B 24 12.50 -16.34 -22.96
CA GLU B 24 13.70 -17.15 -23.35
C GLU B 24 14.68 -17.23 -22.18
N ASP B 25 14.84 -16.13 -21.44
CA ASP B 25 15.80 -16.08 -20.30
C ASP B 25 15.26 -16.94 -19.15
N LEU B 26 13.97 -16.83 -18.79
CA LEU B 26 13.35 -17.66 -17.72
C LEU B 26 13.58 -19.13 -18.04
N LEU B 27 13.36 -19.53 -19.29
CA LEU B 27 13.45 -20.95 -19.74
C LEU B 27 14.91 -21.41 -19.70
N ARG B 28 15.85 -20.58 -20.12
CA ARG B 28 17.31 -20.88 -20.07
C ARG B 28 17.75 -21.09 -18.60
N GLN B 29 17.14 -20.38 -17.64
CA GLN B 29 17.58 -20.40 -16.22
C GLN B 29 16.95 -21.57 -15.44
N ARG B 30 16.10 -22.40 -16.07
CA ARG B 30 15.34 -23.47 -15.35
C ARG B 30 16.28 -24.53 -14.74
N SER B 31 17.45 -24.77 -15.30
CA SER B 31 18.42 -25.74 -14.72
C SER B 31 19.10 -25.14 -13.48
N ASN B 32 19.02 -23.83 -13.30
CA ASN B 32 19.74 -23.06 -12.24
C ASN B 32 18.85 -22.98 -11.00
N ILE B 33 18.97 -23.97 -10.13
CA ILE B 33 18.11 -24.21 -8.93
C ILE B 33 18.90 -23.86 -7.67
N PHE B 34 18.24 -23.26 -6.67
CA PHE B 34 18.87 -22.91 -5.36
C PHE B 34 19.34 -24.20 -4.67
N SER B 35 20.56 -24.22 -4.13
CA SER B 35 21.11 -25.27 -3.24
C SER B 35 20.36 -25.21 -1.89
N ARG B 36 20.34 -26.32 -1.15
CA ARG B 36 19.71 -26.37 0.20
C ARG B 36 20.40 -25.34 1.10
N GLU B 37 21.70 -25.04 0.90
CA GLU B 37 22.42 -24.02 1.74
C GLU B 37 21.95 -22.60 1.35
N GLU B 38 21.69 -22.33 0.07
CA GLU B 38 21.07 -21.05 -0.35
C GLU B 38 19.66 -20.93 0.24
N VAL B 39 18.87 -22.01 0.22
CA VAL B 39 17.49 -22.07 0.78
C VAL B 39 17.52 -21.75 2.29
N THR B 40 18.44 -22.37 3.02
CA THR B 40 18.65 -22.14 4.47
C THR B 40 19.02 -20.67 4.67
N GLY B 41 19.87 -20.15 3.81
CA GLY B 41 20.19 -18.71 3.68
C GLY B 41 18.92 -17.86 3.82
N TYR B 42 17.89 -18.13 3.01
CA TYR B 42 16.68 -17.29 2.95
C TYR B 42 15.78 -17.60 4.15
N GLN B 43 15.80 -18.84 4.62
CA GLN B 43 14.91 -19.27 5.73
C GLN B 43 15.37 -18.69 7.07
N ARG B 44 16.63 -18.25 7.18
CA ARG B 44 17.20 -17.70 8.44
C ARG B 44 17.01 -16.18 8.49
N LYS B 45 16.59 -15.54 7.41
CA LYS B 45 16.38 -14.08 7.40
C LYS B 45 15.22 -13.76 8.34
N SER B 46 15.27 -12.61 8.97
CA SER B 46 14.15 -12.06 9.77
C SER B 46 12.95 -11.83 8.84
N MET B 47 11.75 -11.91 9.40
CA MET B 47 10.50 -11.59 8.68
C MET B 47 10.58 -10.19 8.06
N TRP B 48 11.11 -9.21 8.78
CA TRP B 48 11.21 -7.83 8.28
C TRP B 48 12.09 -7.84 7.02
N GLU B 49 13.24 -8.49 7.08
CA GLU B 49 14.22 -8.48 5.96
C GLU B 49 13.57 -9.10 4.74
N MET B 50 12.92 -10.25 4.91
CA MET B 50 12.35 -11.01 3.78
C MET B 50 11.17 -10.21 3.19
N TRP B 51 10.34 -9.60 4.05
CA TRP B 51 9.20 -8.76 3.57
C TRP B 51 9.75 -7.56 2.80
N GLU B 52 10.90 -7.02 3.22
CA GLU B 52 11.49 -5.82 2.60
C GLU B 52 11.97 -6.18 1.20
N ARG B 53 12.64 -7.32 1.03
CA ARG B 53 13.20 -7.61 -0.32
C ARG B 53 12.05 -8.05 -1.27
N CYS B 54 11.03 -8.73 -0.77
CA CYS B 54 9.85 -9.12 -1.61
C CYS B 54 9.03 -7.88 -1.96
N ALA B 55 8.94 -6.90 -1.05
CA ALA B 55 8.26 -5.60 -1.27
C ALA B 55 8.94 -4.87 -2.42
N HIS B 56 10.27 -4.82 -2.44
CA HIS B 56 11.04 -4.18 -3.53
CA HIS B 56 11.03 -4.15 -3.53
C HIS B 56 10.67 -4.84 -4.86
N HIS B 57 10.67 -6.17 -4.90
CA HIS B 57 10.42 -6.92 -6.16
C HIS B 57 9.00 -6.67 -6.66
N LEU B 58 8.02 -6.70 -5.74
CA LEU B 58 6.58 -6.42 -6.04
C LEU B 58 6.43 -5.01 -6.60
N THR B 59 7.08 -4.03 -5.99
CA THR B 59 7.00 -2.61 -6.43
C THR B 59 7.51 -2.50 -7.86
N GLU B 60 8.68 -3.08 -8.14
CA GLU B 60 9.29 -3.15 -9.50
C GLU B 60 8.35 -3.83 -10.51
N ALA B 61 7.76 -4.98 -10.18
CA ALA B 61 6.81 -5.67 -11.08
C ALA B 61 5.63 -4.74 -11.41
N ILE B 62 5.08 -4.03 -10.42
CA ILE B 62 3.89 -3.16 -10.62
C ILE B 62 4.23 -2.02 -11.60
N GLN B 63 5.45 -1.48 -11.55
CA GLN B 63 5.85 -0.37 -12.45
C GLN B 63 5.90 -0.87 -13.90
N TYR B 64 6.31 -2.12 -14.15
CA TYR B 64 6.23 -2.74 -15.51
C TYR B 64 4.77 -2.88 -15.98
N VAL B 65 3.85 -3.20 -15.07
CA VAL B 65 2.40 -3.25 -15.41
C VAL B 65 1.91 -1.83 -15.72
N VAL B 66 2.36 -0.81 -14.98
CA VAL B 66 1.97 0.60 -15.27
C VAL B 66 2.42 0.95 -16.69
N GLU B 67 3.62 0.52 -17.08
CA GLU B 67 4.20 0.77 -18.43
C GLU B 67 3.37 0.03 -19.51
N PHE B 68 2.90 -1.17 -19.20
CA PHE B 68 2.03 -1.98 -20.10
C PHE B 68 0.74 -1.20 -20.40
N ALA B 69 0.05 -0.75 -19.34
CA ALA B 69 -1.21 0.01 -19.43
C ALA B 69 -0.96 1.27 -20.25
N LYS B 70 0.07 2.05 -19.89
CA LYS B 70 0.45 3.32 -20.54
C LYS B 70 0.56 3.11 -22.06
N ARG B 71 1.12 2.00 -22.51
CA ARG B 71 1.47 1.79 -23.94
C ARG B 71 0.27 1.24 -24.71
N LEU B 72 -0.87 0.97 -24.08
CA LEU B 72 -1.91 0.26 -24.87
C LEU B 72 -2.98 1.27 -25.26
N SER B 73 -3.30 1.23 -26.55
CA SER B 73 -4.20 2.19 -27.23
C SER B 73 -5.55 2.09 -26.53
N GLY B 74 -6.02 3.23 -26.02
CA GLY B 74 -7.32 3.35 -25.36
C GLY B 74 -7.14 3.71 -23.91
N PHE B 75 -6.07 3.28 -23.28
CA PHE B 75 -5.86 3.48 -21.83
C PHE B 75 -5.53 4.94 -21.53
N MET B 76 -4.61 5.54 -22.29
CA MET B 76 -4.20 6.98 -22.14
C MET B 76 -5.35 7.93 -22.48
N GLU B 77 -6.35 7.50 -23.23
CA GLU B 77 -7.55 8.34 -23.52
C GLU B 77 -8.51 8.32 -22.33
N LEU B 78 -8.33 7.40 -21.38
CA LEU B 78 -9.20 7.36 -20.16
C LEU B 78 -8.88 8.59 -19.28
N CYS B 79 -9.85 9.10 -18.51
CA CYS B 79 -9.64 10.18 -17.52
C CYS B 79 -8.59 9.66 -16.53
N GLN B 80 -7.81 10.56 -15.93
CA GLN B 80 -6.72 10.16 -15.02
C GLN B 80 -7.29 9.43 -13.81
N ASN B 81 -8.48 9.82 -13.34
CA ASN B 81 -9.11 9.11 -12.20
C ASN B 81 -9.19 7.62 -12.54
N ASP B 82 -9.67 7.30 -13.75
CA ASP B 82 -10.04 5.92 -14.13
C ASP B 82 -8.75 5.16 -14.42
N GLN B 83 -7.72 5.85 -14.91
CA GLN B 83 -6.41 5.24 -15.16
C GLN B 83 -5.89 4.73 -13.81
N ILE B 84 -6.05 5.55 -12.79
CA ILE B 84 -5.53 5.24 -11.43
C ILE B 84 -6.39 4.14 -10.81
N VAL B 85 -7.72 4.19 -10.98
CA VAL B 85 -8.60 3.19 -10.33
C VAL B 85 -8.36 1.81 -10.97
N LEU B 86 -8.21 1.73 -12.29
CA LEU B 86 -7.97 0.44 -12.97
C LEU B 86 -6.61 -0.13 -12.54
N LEU B 87 -5.57 0.68 -12.46
CA LEU B 87 -4.22 0.19 -12.02
C LEU B 87 -4.20 -0.20 -10.53
N LYS B 88 -4.78 0.59 -9.63
CA LYS B 88 -4.83 0.24 -8.17
C LYS B 88 -5.52 -1.12 -7.97
N ALA B 89 -6.63 -1.39 -8.66
CA ALA B 89 -7.43 -2.65 -8.54
C ALA B 89 -6.79 -3.81 -9.32
N GLY B 90 -6.03 -3.57 -10.40
CA GLY B 90 -5.63 -4.65 -11.32
C GLY B 90 -4.12 -4.93 -11.41
N ALA B 91 -3.26 -3.98 -11.05
CA ALA B 91 -1.81 -4.04 -11.34
C ALA B 91 -1.20 -5.28 -10.67
N MET B 92 -1.48 -5.49 -9.39
CA MET B 92 -1.00 -6.67 -8.64
C MET B 92 -1.59 -7.94 -9.27
N GLU B 93 -2.85 -7.89 -9.70
CA GLU B 93 -3.52 -9.07 -10.31
C GLU B 93 -2.76 -9.41 -11.60
N VAL B 94 -2.31 -8.43 -12.38
CA VAL B 94 -1.50 -8.73 -13.59
C VAL B 94 -0.14 -9.33 -13.18
N VAL B 95 0.49 -8.81 -12.11
CA VAL B 95 1.80 -9.34 -11.64
C VAL B 95 1.62 -10.83 -11.34
N LEU B 96 0.52 -11.17 -10.65
CA LEU B 96 0.23 -12.56 -10.28
C LEU B 96 0.12 -13.40 -11.55
N VAL B 97 -0.54 -12.87 -12.59
CA VAL B 97 -0.79 -13.67 -13.82
C VAL B 97 0.54 -13.84 -14.57
N ARG B 98 1.32 -12.77 -14.66
CA ARG B 98 2.64 -12.76 -15.35
C ARG B 98 3.59 -13.73 -14.66
N MET B 99 3.33 -14.08 -13.41
CA MET B 99 4.22 -14.99 -12.67
C MET B 99 4.17 -16.40 -13.29
N CYS B 100 3.16 -16.79 -14.05
CA CYS B 100 3.10 -18.20 -14.51
C CYS B 100 4.18 -18.48 -15.56
N ARG B 101 4.76 -17.46 -16.19
CA ARG B 101 5.90 -17.62 -17.14
C ARG B 101 7.18 -18.00 -16.39
N ALA B 102 7.35 -17.53 -15.15
CA ALA B 102 8.52 -17.78 -14.28
C ALA B 102 8.27 -19.01 -13.38
N TYR B 103 7.19 -19.76 -13.60
CA TYR B 103 6.86 -20.95 -12.80
C TYR B 103 7.14 -22.20 -13.65
N ASN B 104 7.85 -23.17 -13.06
CA ASN B 104 8.20 -24.44 -13.76
C ASN B 104 7.38 -25.55 -13.14
N ALA B 105 6.32 -25.98 -13.83
CA ALA B 105 5.36 -26.98 -13.33
C ALA B 105 6.02 -28.36 -13.23
N ASP B 106 7.15 -28.58 -13.91
CA ASP B 106 7.88 -29.89 -13.90
C ASP B 106 8.38 -30.21 -12.48
N ASN B 107 8.79 -29.20 -11.69
CA ASN B 107 9.40 -29.38 -10.36
C ASN B 107 8.80 -28.39 -9.34
N ARG B 108 7.75 -27.64 -9.69
CA ARG B 108 7.00 -26.71 -8.79
C ARG B 108 7.97 -25.69 -8.20
N THR B 109 8.78 -25.09 -9.04
CA THR B 109 9.72 -24.02 -8.63
C THR B 109 9.36 -22.74 -9.38
N VAL B 110 9.83 -21.63 -8.83
CA VAL B 110 9.60 -20.30 -9.40
C VAL B 110 10.95 -19.58 -9.46
N PHE B 111 11.11 -18.73 -10.46
CA PHE B 111 12.29 -17.86 -10.63
C PHE B 111 12.27 -16.80 -9.54
N PHE B 112 13.32 -16.74 -8.73
CA PHE B 112 13.44 -15.74 -7.64
C PHE B 112 14.89 -15.32 -7.55
N GLU B 113 15.19 -14.04 -7.76
CA GLU B 113 16.56 -13.48 -7.57
C GLU B 113 17.60 -14.38 -8.26
N GLY B 114 17.39 -14.68 -9.54
CA GLY B 114 18.42 -15.27 -10.41
C GLY B 114 18.31 -16.77 -10.58
N LYS B 115 17.62 -17.49 -9.70
CA LYS B 115 17.54 -18.98 -9.71
C LYS B 115 16.14 -19.47 -9.35
N TYR B 116 15.90 -20.77 -9.50
CA TYR B 116 14.58 -21.39 -9.27
C TYR B 116 14.56 -22.00 -7.88
N GLY B 117 13.47 -21.80 -7.15
CA GLY B 117 13.29 -22.45 -5.84
C GLY B 117 11.83 -22.70 -5.52
N GLY B 118 11.59 -23.60 -4.59
CA GLY B 118 10.24 -24.03 -4.17
C GLY B 118 9.65 -23.04 -3.19
N MET B 119 8.46 -23.36 -2.68
CA MET B 119 7.72 -22.44 -1.77
C MET B 119 8.44 -22.26 -0.43
N GLU B 120 9.28 -23.21 0.01
CA GLU B 120 9.98 -23.19 1.33
C GLU B 120 11.07 -22.09 1.38
N LEU B 121 11.54 -21.59 0.23
CA LEU B 121 12.36 -20.35 0.07
C LEU B 121 11.74 -19.17 0.84
N PHE B 122 10.42 -19.09 0.92
CA PHE B 122 9.67 -17.90 1.39
C PHE B 122 9.22 -18.04 2.84
N ARG B 123 9.72 -19.06 3.55
CA ARG B 123 9.25 -19.43 4.91
CA ARG B 123 9.24 -19.43 4.91
C ARG B 123 9.34 -18.22 5.86
N ALA B 124 10.38 -17.38 5.74
CA ALA B 124 10.64 -16.24 6.66
C ALA B 124 9.56 -15.14 6.53
N LEU B 125 8.74 -15.16 5.48
CA LEU B 125 7.56 -14.27 5.35
C LEU B 125 6.49 -14.60 6.39
N GLY B 126 6.40 -15.84 6.85
CA GLY B 126 5.37 -16.24 7.83
C GLY B 126 3.99 -16.27 7.21
N CYS B 127 3.83 -16.60 5.92
CA CYS B 127 2.49 -16.68 5.27
C CYS B 127 2.47 -17.90 4.33
N SER B 128 2.76 -19.08 4.91
CA SER B 128 3.00 -20.34 4.16
C SER B 128 1.75 -20.71 3.39
N GLU B 129 0.57 -20.47 3.94
CA GLU B 129 -0.71 -20.77 3.23
C GLU B 129 -0.80 -19.91 1.97
N LEU B 130 -0.51 -18.61 2.06
CA LEU B 130 -0.59 -17.66 0.91
C LEU B 130 0.41 -18.10 -0.17
N ILE B 131 1.65 -18.38 0.23
CA ILE B 131 2.71 -18.80 -0.72
C ILE B 131 2.22 -20.07 -1.41
N SER B 132 1.68 -21.03 -0.65
CA SER B 132 1.17 -22.31 -1.19
C SER B 132 0.08 -22.03 -2.22
N SER B 133 -0.83 -21.11 -1.89
CA SER B 133 -1.93 -20.68 -2.78
C SER B 133 -1.39 -20.09 -4.08
N ILE B 134 -0.36 -19.23 -4.01
CA ILE B 134 0.20 -18.56 -5.22
C ILE B 134 0.86 -19.61 -6.12
N PHE B 135 1.57 -20.56 -5.54
CA PHE B 135 2.20 -21.67 -6.30
C PHE B 135 1.12 -22.50 -6.99
N ASP B 136 0.07 -22.85 -6.27
CA ASP B 136 -1.09 -23.59 -6.82
C ASP B 136 -1.76 -22.81 -7.96
N PHE B 137 -1.99 -21.52 -7.77
CA PHE B 137 -2.53 -20.63 -8.84
C PHE B 137 -1.57 -20.62 -10.06
N SER B 138 -0.27 -20.45 -9.83
CA SER B 138 0.70 -20.44 -10.96
C SER B 138 0.70 -21.81 -11.65
N HIS B 139 0.55 -22.87 -10.88
CA HIS B 139 0.49 -24.25 -11.42
C HIS B 139 -0.72 -24.37 -12.35
N SER B 140 -1.90 -23.91 -11.92
CA SER B 140 -3.14 -23.97 -12.74
C SER B 140 -2.94 -23.18 -14.02
N LEU B 141 -2.43 -21.96 -13.90
CA LEU B 141 -2.31 -21.07 -15.07
C LEU B 141 -1.31 -21.69 -16.05
N SER B 142 -0.21 -22.27 -15.58
CA SER B 142 0.88 -22.79 -16.45
C SER B 142 0.30 -23.93 -17.30
N ALA B 143 -0.71 -24.63 -16.78
CA ALA B 143 -1.29 -25.82 -17.46
C ALA B 143 -2.10 -25.37 -18.68
N LEU B 144 -2.39 -24.07 -18.87
CA LEU B 144 -3.07 -23.58 -20.11
C LEU B 144 -2.10 -23.55 -21.30
N HIS B 145 -0.79 -23.50 -21.04
CA HIS B 145 0.28 -23.33 -22.07
C HIS B 145 -0.08 -22.10 -22.92
N PHE B 146 -0.28 -20.96 -22.27
CA PHE B 146 -0.55 -19.67 -22.96
C PHE B 146 0.51 -19.42 -24.02
N SER B 147 0.09 -19.01 -25.21
CA SER B 147 0.98 -18.25 -26.12
C SER B 147 1.17 -16.85 -25.53
N GLU B 148 2.19 -16.12 -25.99
CA GLU B 148 2.42 -14.70 -25.62
C GLU B 148 1.20 -13.85 -26.00
N ASP B 149 0.56 -14.06 -27.16
CA ASP B 149 -0.66 -13.31 -27.56
C ASP B 149 -1.82 -13.53 -26.57
N GLU B 150 -2.03 -14.77 -26.13
CA GLU B 150 -3.14 -15.13 -25.22
C GLU B 150 -2.91 -14.44 -23.86
N ILE B 151 -1.71 -14.53 -23.28
CA ILE B 151 -1.42 -13.91 -21.94
C ILE B 151 -1.45 -12.37 -22.07
N ALA B 152 -1.03 -11.76 -23.19
CA ALA B 152 -1.16 -10.29 -23.38
C ALA B 152 -2.64 -9.87 -23.34
N LEU B 153 -3.48 -10.52 -24.14
CA LEU B 153 -4.91 -10.17 -24.22
C LEU B 153 -5.59 -10.44 -22.89
N TYR B 154 -5.25 -11.55 -22.22
CA TYR B 154 -5.85 -11.92 -20.92
C TYR B 154 -5.50 -10.84 -19.88
N THR B 155 -4.22 -10.47 -19.78
CA THR B 155 -3.79 -9.46 -18.76
C THR B 155 -4.40 -8.08 -19.08
N ALA B 156 -4.63 -7.74 -20.37
CA ALA B 156 -5.28 -6.47 -20.73
C ALA B 156 -6.72 -6.47 -20.16
N LEU B 157 -7.41 -7.63 -20.20
CA LEU B 157 -8.79 -7.78 -19.66
C LEU B 157 -8.79 -7.83 -18.13
N VAL B 158 -7.79 -8.38 -17.49
CA VAL B 158 -7.69 -8.24 -16.01
C VAL B 158 -7.67 -6.75 -15.64
N LEU B 159 -6.91 -5.93 -16.36
CA LEU B 159 -6.77 -4.46 -16.11
C LEU B 159 -8.04 -3.74 -16.52
N ILE B 160 -8.52 -3.92 -17.75
CA ILE B 160 -9.62 -3.10 -18.32
C ILE B 160 -10.95 -3.76 -17.93
N ASN B 161 -11.41 -3.44 -16.73
CA ASN B 161 -12.60 -4.03 -16.09
C ASN B 161 -13.51 -2.87 -15.66
N ALA B 162 -14.61 -2.70 -16.40
CA ALA B 162 -15.54 -1.57 -16.28
C ALA B 162 -16.31 -1.66 -14.95
N HIS B 163 -16.15 -2.77 -14.21
CA HIS B 163 -16.87 -3.10 -12.96
C HIS B 163 -16.10 -2.64 -11.73
N ARG B 164 -14.89 -2.11 -11.87
CA ARG B 164 -14.11 -1.61 -10.70
C ARG B 164 -14.92 -0.48 -10.06
N PRO B 165 -15.23 -0.53 -8.75
CA PRO B 165 -15.87 0.62 -8.10
C PRO B 165 -14.99 1.88 -8.15
N GLY B 166 -15.60 3.05 -8.33
CA GLY B 166 -14.91 4.36 -8.27
C GLY B 166 -14.61 4.93 -9.66
N LEU B 167 -14.97 4.18 -10.71
CA LEU B 167 -14.81 4.64 -12.11
C LEU B 167 -15.79 5.78 -12.35
N GLN B 168 -15.31 6.87 -12.96
CA GLN B 168 -16.13 8.08 -13.25
C GLN B 168 -16.75 7.98 -14.65
N GLU B 169 -15.97 7.60 -15.67
CA GLU B 169 -16.43 7.41 -17.08
C GLU B 169 -16.57 5.91 -17.40
N LYS B 170 -17.50 5.25 -16.72
CA LYS B 170 -17.74 3.78 -16.77
C LYS B 170 -17.96 3.34 -18.23
N ARG B 171 -18.60 4.17 -19.06
CA ARG B 171 -18.96 3.76 -20.43
C ARG B 171 -17.72 3.76 -21.32
N LYS B 172 -16.74 4.66 -21.11
CA LYS B 172 -15.52 4.65 -21.95
C LYS B 172 -14.69 3.37 -21.67
N VAL B 173 -14.73 2.86 -20.44
CA VAL B 173 -13.99 1.64 -20.01
C VAL B 173 -14.74 0.41 -20.54
N GLU B 174 -16.07 0.41 -20.43
CA GLU B 174 -16.97 -0.64 -20.98
C GLU B 174 -16.63 -0.85 -22.45
N GLN B 175 -16.40 0.23 -23.21
CA GLN B 175 -16.21 0.18 -24.68
C GLN B 175 -14.83 -0.43 -24.98
N LEU B 176 -13.82 -0.02 -24.22
CA LEU B 176 -12.45 -0.60 -24.37
C LEU B 176 -12.46 -2.09 -23.99
N GLN B 177 -13.14 -2.46 -22.90
CA GLN B 177 -13.23 -3.85 -22.38
C GLN B 177 -13.94 -4.73 -23.40
N TYR B 178 -15.06 -4.21 -23.91
CA TYR B 178 -15.82 -4.90 -24.98
C TYR B 178 -14.94 -5.14 -26.22
N ASN B 179 -14.20 -4.15 -26.68
CA ASN B 179 -13.33 -4.31 -27.87
C ASN B 179 -12.27 -5.38 -27.59
N LEU B 180 -11.65 -5.37 -26.41
CA LEU B 180 -10.68 -6.43 -26.01
C LEU B 180 -11.38 -7.79 -25.97
N GLU B 181 -12.60 -7.88 -25.44
CA GLU B 181 -13.31 -9.17 -25.32
C GLU B 181 -13.60 -9.71 -26.71
N LEU B 182 -14.05 -8.85 -27.62
CA LEU B 182 -14.36 -9.31 -29.00
C LEU B 182 -13.09 -9.88 -29.61
N ALA B 183 -11.98 -9.14 -29.47
CA ALA B 183 -10.64 -9.50 -30.02
C ALA B 183 -10.19 -10.84 -29.43
N PHE B 184 -10.28 -10.99 -28.10
CA PHE B 184 -9.83 -12.18 -27.35
C PHE B 184 -10.66 -13.40 -27.74
N HIS B 185 -11.99 -13.28 -27.69
CA HIS B 185 -12.90 -14.39 -28.05
C HIS B 185 -12.67 -14.81 -29.50
N HIS B 186 -12.54 -13.85 -30.39
CA HIS B 186 -12.32 -14.14 -31.83
C HIS B 186 -10.98 -14.83 -32.04
N HIS B 187 -9.91 -14.31 -31.45
CA HIS B 187 -8.55 -14.89 -31.56
C HIS B 187 -8.53 -16.36 -31.07
N LEU B 188 -9.12 -16.64 -29.91
CA LEU B 188 -9.26 -18.01 -29.38
C LEU B 188 -10.09 -18.89 -30.33
N CYS B 189 -11.24 -18.40 -30.79
CA CYS B 189 -12.14 -19.23 -31.64
C CYS B 189 -11.44 -19.58 -32.95
N LYS B 190 -10.70 -18.65 -33.55
CA LYS B 190 -10.05 -18.87 -34.85
C LYS B 190 -8.88 -19.85 -34.70
N THR B 191 -8.20 -19.90 -33.54
CA THR B 191 -7.04 -20.81 -33.30
C THR B 191 -7.46 -22.13 -32.62
N HIS B 192 -8.78 -22.37 -32.48
CA HIS B 192 -9.39 -23.53 -31.78
C HIS B 192 -8.94 -23.61 -30.31
N ARG B 193 -8.66 -22.49 -29.66
CA ARG B 193 -8.13 -22.42 -28.25
C ARG B 193 -9.25 -22.00 -27.29
N GLN B 194 -10.50 -21.89 -27.75
CA GLN B 194 -11.66 -21.39 -26.96
C GLN B 194 -11.87 -22.23 -25.70
N SER B 195 -11.39 -23.48 -25.63
CA SER B 195 -11.53 -24.31 -24.41
C SER B 195 -10.70 -23.74 -23.24
N ILE B 196 -9.75 -22.83 -23.45
CA ILE B 196 -9.00 -22.28 -22.27
C ILE B 196 -9.90 -21.37 -21.40
N LEU B 197 -10.99 -20.82 -21.96
CA LEU B 197 -11.92 -19.87 -21.29
C LEU B 197 -12.51 -20.46 -20.01
N ALA B 198 -12.97 -21.71 -20.07
CA ALA B 198 -13.58 -22.43 -18.94
C ALA B 198 -12.56 -22.63 -17.81
N LYS B 199 -11.25 -22.62 -18.09
CA LYS B 199 -10.19 -22.94 -17.09
C LYS B 199 -9.58 -21.67 -16.50
N LEU B 200 -9.92 -20.48 -17.00
CA LEU B 200 -9.37 -19.21 -16.46
C LEU B 200 -9.88 -19.08 -15.03
N PRO B 201 -9.06 -18.56 -14.09
CA PRO B 201 -9.43 -18.57 -12.67
C PRO B 201 -10.58 -17.62 -12.38
N PRO B 202 -11.46 -17.87 -11.38
CA PRO B 202 -12.53 -16.91 -11.04
C PRO B 202 -11.94 -15.58 -10.56
N LYS B 203 -12.61 -14.45 -10.82
CA LYS B 203 -12.11 -13.06 -10.59
C LYS B 203 -11.90 -12.77 -9.10
N GLY B 204 -12.71 -13.39 -8.21
CA GLY B 204 -12.48 -13.37 -6.75
C GLY B 204 -11.15 -14.00 -6.37
N LYS B 205 -10.76 -15.08 -7.06
CA LYS B 205 -9.49 -15.85 -6.85
C LYS B 205 -8.27 -14.92 -6.99
N LEU B 206 -8.16 -14.21 -8.11
CA LEU B 206 -7.09 -13.21 -8.31
C LEU B 206 -7.10 -12.22 -7.14
N ARG B 207 -8.26 -11.63 -6.85
CA ARG B 207 -8.43 -10.54 -5.83
C ARG B 207 -7.97 -11.06 -4.47
N SER B 208 -8.31 -12.29 -4.11
CA SER B 208 -8.00 -12.91 -2.78
C SER B 208 -6.49 -13.08 -2.59
N LEU B 209 -5.75 -13.52 -3.61
CA LEU B 209 -4.28 -13.73 -3.50
C LEU B 209 -3.52 -12.40 -3.48
N CYS B 210 -4.09 -11.31 -4.02
CA CYS B 210 -3.35 -10.04 -4.28
C CYS B 210 -3.58 -8.97 -3.21
N SER B 211 -4.69 -9.05 -2.50
CA SER B 211 -5.21 -7.98 -1.62
C SER B 211 -4.90 -8.29 -0.14
N GLN B 212 -4.35 -9.47 0.15
CA GLN B 212 -4.33 -10.03 1.52
C GLN B 212 -3.40 -9.16 2.38
N HIS B 213 -2.24 -8.75 1.87
CA HIS B 213 -1.22 -7.99 2.66
C HIS B 213 -0.89 -6.62 2.02
N VAL B 214 -1.84 -5.99 1.33
CA VAL B 214 -1.62 -4.64 0.68
C VAL B 214 -1.14 -3.65 1.75
N GLU B 215 -1.86 -3.53 2.86
CA GLU B 215 -1.60 -2.45 3.87
C GLU B 215 -0.18 -2.62 4.42
N ARG B 216 0.29 -3.87 4.47
CA ARG B 216 1.62 -4.24 5.00
C ARG B 216 2.72 -3.63 4.09
N LEU B 217 2.51 -3.56 2.78
CA LEU B 217 3.59 -3.11 1.85
C LEU B 217 3.90 -1.63 2.04
N GLN B 218 2.94 -0.83 2.54
CA GLN B 218 3.13 0.62 2.87
C GLN B 218 4.31 0.82 3.83
N ILE B 219 4.56 -0.07 4.80
CA ILE B 219 5.61 0.20 5.83
C ILE B 219 7.01 -0.19 5.32
N PHE B 220 7.15 -0.84 4.16
CA PHE B 220 8.43 -1.13 3.46
C PHE B 220 8.58 -0.28 2.19
#